data_4ZDT
#
_entry.id   4ZDT
#
_cell.length_a   85.233
_cell.length_b   85.233
_cell.length_c   74.835
_cell.angle_alpha   90.00
_cell.angle_beta   90.00
_cell.angle_gamma   90.00
#
_symmetry.space_group_name_H-M   'P 41'
#
loop_
_entity.id
_entity.type
_entity.pdbx_description
1 polymer 'Structure-specific endonuclease subunit slx1'
2 polymer 'Structure-specific endonuclease subunit slx4'
3 non-polymer 'ZINC ION'
4 non-polymer GLYCEROL
5 non-polymer 'SULFATE ION'
6 water water
#
loop_
_entity_poly.entity_id
_entity_poly.type
_entity_poly.pdbx_seq_one_letter_code
_entity_poly.pdbx_strand_id
1 'polypeptide(L)' MEPVKCNLCYECIESDELRANCPFTDCNSINHLTCLASSFLTEECQVLPIEGMCTKCKRVLRWREFLSTVFTT A,C
2 'polypeptide(L)' GSMIVTQTHRAISQVVKQAKDNSVWIKILTYSAIDVEEFQLWLKRKNLNVSLDLIKSWCDKYGVLMKGSWH B,D
#
# COMPACT_ATOMS: atom_id res chain seq x y z
N VAL A 4 2.94 25.67 1.76
CA VAL A 4 2.44 24.29 1.95
C VAL A 4 2.47 23.91 3.42
N LYS A 5 1.45 23.20 3.85
CA LYS A 5 1.25 22.83 5.25
C LYS A 5 1.53 21.34 5.45
N CYS A 6 2.30 21.00 6.48
CA CYS A 6 2.43 19.60 6.85
C CYS A 6 1.11 19.08 7.41
N ASN A 7 0.69 17.92 6.92
CA ASN A 7 -0.59 17.34 7.33
C ASN A 7 -0.57 16.56 8.64
N LEU A 8 0.52 16.68 9.40
CA LEU A 8 0.59 15.99 10.68
C LEU A 8 0.87 16.94 11.85
N CYS A 9 1.64 18.02 11.59
CA CYS A 9 2.01 18.98 12.63
C CYS A 9 1.48 20.40 12.36
N TYR A 10 0.96 20.61 11.15
CA TYR A 10 0.29 21.85 10.75
C TYR A 10 1.18 23.08 10.64
N GLU A 11 2.49 22.90 10.79
CA GLU A 11 3.44 23.97 10.51
C GLU A 11 3.69 24.04 9.02
N CYS A 12 4.12 25.21 8.55
CA CYS A 12 4.40 25.41 7.15
C CYS A 12 5.66 24.69 6.72
N ILE A 13 5.67 24.22 5.48
CA ILE A 13 6.84 23.59 4.90
C ILE A 13 7.47 24.59 3.95
N GLU A 14 8.69 25.02 4.27
CA GLU A 14 9.39 26.02 3.49
C GLU A 14 9.70 25.52 2.08
N SER A 15 10.04 26.44 1.18
CA SER A 15 10.34 26.08 -0.21
C SER A 15 11.66 25.32 -0.37
N ASP A 16 12.59 25.54 0.55
CA ASP A 16 13.90 24.89 0.53
C ASP A 16 13.90 23.55 1.27
N GLU A 17 12.75 23.20 1.82
CA GLU A 17 12.66 22.05 2.71
C GLU A 17 12.23 20.79 1.95
N LEU A 18 12.85 19.67 2.29
CA LEU A 18 12.43 18.37 1.79
C LEU A 18 11.10 17.99 2.44
N ARG A 19 10.28 17.23 1.72
CA ARG A 19 8.98 16.83 2.25
C ARG A 19 8.46 15.52 1.66
N ALA A 20 7.83 14.71 2.49
CA ALA A 20 7.21 13.47 2.05
C ALA A 20 5.92 13.78 1.32
N ASN A 21 5.63 12.97 0.29
CA ASN A 21 4.32 12.95 -0.34
C ASN A 21 3.93 11.53 -0.75
N CYS A 22 2.68 11.19 -0.48
CA CYS A 22 2.11 9.96 -0.97
C CYS A 22 2.19 10.00 -2.49
N PRO A 23 2.76 8.95 -3.11
CA PRO A 23 3.04 8.99 -4.55
C PRO A 23 1.79 8.87 -5.42
N PHE A 24 0.63 8.65 -4.83
CA PHE A 24 -0.60 8.55 -5.61
C PHE A 24 -1.26 9.94 -5.70
N THR A 25 -1.43 10.41 -6.93
CA THR A 25 -1.99 11.74 -7.19
C THR A 25 -3.41 11.85 -6.64
N ASP A 26 -4.13 10.72 -6.55
CA ASP A 26 -5.47 10.74 -5.98
C ASP A 26 -5.47 11.05 -4.49
N CYS A 27 -4.28 11.03 -3.89
CA CYS A 27 -4.14 11.28 -2.47
C CYS A 27 -3.24 12.49 -2.21
N ASN A 28 -1.96 12.36 -2.62
CA ASN A 28 -0.97 13.43 -2.53
C ASN A 28 -0.83 14.04 -1.12
N SER A 29 -0.97 13.22 -0.07
CA SER A 29 -0.75 13.62 1.31
C SER A 29 0.68 14.15 1.50
N ILE A 30 0.81 15.40 1.94
CA ILE A 30 2.11 16.05 2.08
C ILE A 30 2.45 16.26 3.57
N ASN A 31 3.71 16.02 3.93
CA ASN A 31 4.14 16.20 5.31
C ASN A 31 5.65 16.20 5.48
N HIS A 32 6.12 16.72 6.61
CA HIS A 32 7.56 16.77 6.90
C HIS A 32 8.06 15.34 6.96
N LEU A 33 9.27 15.10 6.46
CA LEU A 33 9.90 13.77 6.58
C LEU A 33 9.92 13.29 8.00
N THR A 34 10.39 14.14 8.92
CA THR A 34 10.48 13.71 10.32
C THR A 34 9.12 13.43 10.92
N CYS A 35 8.13 14.27 10.62
CA CYS A 35 6.77 14.01 11.10
C CYS A 35 6.22 12.65 10.64
N LEU A 36 6.28 12.39 9.32
CA LEU A 36 5.81 11.11 8.78
C LEU A 36 6.61 9.94 9.38
N ALA A 37 7.93 10.06 9.42
CA ALA A 37 8.74 8.98 9.96
C ALA A 37 8.34 8.66 11.40
N SER A 38 8.24 9.72 12.22
CA SER A 38 7.82 9.54 13.62
C SER A 38 6.46 8.80 13.72
N SER A 39 5.51 9.11 12.82
CA SER A 39 4.20 8.46 12.83
C SER A 39 4.27 6.98 12.44
N PHE A 40 5.31 6.61 11.69
CA PHE A 40 5.48 5.24 11.19
C PHE A 40 6.26 4.35 12.16
N LEU A 41 7.12 4.94 13.00
CA LEU A 41 8.00 4.16 13.90
C LEU A 41 7.24 3.37 14.97
N THR A 42 7.66 2.13 15.22
CA THR A 42 6.95 1.25 16.17
C THR A 42 7.67 1.06 17.52
N GLU A 43 8.95 1.44 17.58
CA GLU A 43 9.74 1.33 18.82
C GLU A 43 10.76 2.47 18.91
N GLU A 44 11.12 2.84 20.15
CA GLU A 44 11.91 4.05 20.38
C GLU A 44 13.34 4.01 19.88
N CYS A 45 13.89 2.81 19.70
CA CYS A 45 15.23 2.68 19.16
C CYS A 45 15.29 2.89 17.63
N GLN A 46 14.15 2.74 16.95
CA GLN A 46 14.14 2.85 15.48
C GLN A 46 14.25 4.27 14.98
N VAL A 47 14.96 4.45 13.87
CA VAL A 47 15.13 5.75 13.22
C VAL A 47 14.67 5.76 11.75
N LEU A 48 14.69 4.59 11.10
CA LEU A 48 14.34 4.46 9.68
C LEU A 48 13.09 3.60 9.51
N PRO A 49 11.98 4.22 9.08
CA PRO A 49 10.80 3.40 8.81
C PRO A 49 11.03 2.39 7.69
N ILE A 50 10.41 1.23 7.82
CA ILE A 50 10.34 0.24 6.74
C ILE A 50 9.12 0.50 5.84
N GLU A 51 7.96 0.59 6.45
CA GLU A 51 6.70 0.84 5.74
C GLU A 51 5.75 1.59 6.66
N GLY A 52 4.66 2.09 6.12
CA GLY A 52 3.65 2.73 6.98
C GLY A 52 2.38 2.96 6.19
N MET A 53 1.29 3.22 6.91
CA MET A 53 0.01 3.50 6.30
C MET A 53 -0.14 5.00 6.08
N CYS A 54 -0.37 5.41 4.84
CA CYS A 54 -0.69 6.81 4.58
C CYS A 54 -1.99 7.16 5.32
N THR A 55 -1.96 8.21 6.13
CA THR A 55 -3.14 8.51 6.96
C THR A 55 -4.34 9.02 6.15
N LYS A 56 -4.07 9.52 4.95
CA LYS A 56 -5.10 10.07 4.09
C LYS A 56 -5.76 8.96 3.26
N CYS A 57 -5.00 8.26 2.40
CA CYS A 57 -5.58 7.19 1.55
C CYS A 57 -5.63 5.78 2.15
N LYS A 58 -4.94 5.57 3.28
CA LYS A 58 -4.87 4.24 3.94
C LYS A 58 -4.10 3.15 3.21
N ARG A 59 -3.40 3.48 2.13
CA ARG A 59 -2.52 2.47 1.50
C ARG A 59 -1.32 2.23 2.42
N VAL A 60 -0.78 1.00 2.41
CA VAL A 60 0.41 0.68 3.23
C VAL A 60 1.58 0.54 2.30
N LEU A 61 2.51 1.49 2.39
CA LEU A 61 3.59 1.61 1.42
C LEU A 61 4.92 1.57 2.12
N ARG A 62 5.99 1.31 1.36
CA ARG A 62 7.35 1.31 1.93
C ARG A 62 7.82 2.75 2.00
N TRP A 63 8.76 3.00 2.92
CA TRP A 63 9.25 4.34 3.20
C TRP A 63 9.66 5.06 1.94
N ARG A 64 10.40 4.36 1.07
CA ARG A 64 10.92 4.95 -0.16
C ARG A 64 9.83 5.61 -1.01
N GLU A 65 8.67 4.98 -1.05
CA GLU A 65 7.57 5.45 -1.89
C GLU A 65 7.20 6.90 -1.58
N PHE A 66 7.46 7.34 -0.35
CA PHE A 66 7.11 8.71 0.04
C PHE A 66 8.17 9.74 -0.36
N LEU A 67 9.24 9.26 -0.99
CA LEU A 67 10.37 10.14 -1.30
C LEU A 67 10.46 10.59 -2.76
N SER A 68 9.32 10.74 -3.46
CA SER A 68 9.37 11.04 -4.91
C SER A 68 10.01 12.37 -5.28
N THR A 69 10.03 13.33 -4.36
CA THR A 69 10.55 14.64 -4.71
C THR A 69 11.91 14.91 -4.07
N VAL A 70 12.37 13.97 -3.24
CA VAL A 70 13.58 14.18 -2.46
C VAL A 70 14.87 14.16 -3.32
N PHE A 71 14.92 13.24 -4.27
CA PHE A 71 16.15 13.03 -5.05
C PHE A 71 16.22 13.78 -6.38
N THR A 72 15.08 14.31 -6.83
CA THR A 72 15.00 14.91 -8.18
C THR A 72 14.58 16.38 -8.12
N GLY B 1 21.78 -10.58 20.48
CA GLY B 1 21.36 -9.28 21.11
C GLY B 1 21.63 -9.21 22.61
N SER B 2 21.97 -8.00 23.08
CA SER B 2 22.18 -7.73 24.50
C SER B 2 21.27 -6.59 24.94
N MET B 3 20.43 -6.86 25.94
CA MET B 3 19.54 -5.83 26.52
C MET B 3 20.25 -4.55 26.97
N ILE B 4 21.41 -4.71 27.64
CA ILE B 4 22.17 -3.54 28.13
C ILE B 4 22.84 -2.74 27.00
N VAL B 5 23.39 -3.42 25.99
CA VAL B 5 23.93 -2.71 24.84
C VAL B 5 22.82 -1.92 24.12
N THR B 6 21.66 -2.53 23.97
CA THR B 6 20.54 -1.84 23.31
C THR B 6 20.07 -0.57 24.05
N GLN B 7 20.31 -0.49 25.35
CA GLN B 7 20.01 0.77 26.09
C GLN B 7 20.90 1.93 25.61
N THR B 8 22.18 1.64 25.31
CA THR B 8 23.04 2.69 24.76
C THR B 8 22.68 2.99 23.30
N HIS B 9 22.31 1.96 22.55
CA HIS B 9 21.86 2.14 21.17
C HIS B 9 20.58 3.00 21.11
N ARG B 10 19.76 2.89 22.14
CA ARG B 10 18.49 3.63 22.22
C ARG B 10 18.76 5.12 22.45
N ALA B 11 19.74 5.41 23.31
CA ALA B 11 20.19 6.78 23.55
C ALA B 11 20.68 7.48 22.29
N ILE B 12 21.40 6.77 21.42
CA ILE B 12 21.85 7.37 20.14
C ILE B 12 20.60 7.73 19.30
N SER B 13 19.66 6.79 19.19
CA SER B 13 18.43 7.04 18.45
C SER B 13 17.67 8.24 19.01
N GLN B 14 17.58 8.32 20.34
CA GLN B 14 16.89 9.42 21.00
C GLN B 14 17.52 10.75 20.69
N VAL B 15 18.86 10.82 20.66
CA VAL B 15 19.52 12.08 20.31
C VAL B 15 19.24 12.51 18.86
N VAL B 16 19.35 11.54 17.95
CA VAL B 16 19.06 11.79 16.54
C VAL B 16 17.66 12.38 16.35
N LYS B 17 16.68 11.81 17.05
CA LYS B 17 15.28 12.13 16.89
C LYS B 17 14.81 13.32 17.73
N GLN B 18 15.57 13.66 18.76
CA GLN B 18 15.14 14.73 19.69
C GLN B 18 15.93 16.02 19.60
N ALA B 19 17.11 15.98 18.99
CA ALA B 19 17.92 17.18 18.79
C ALA B 19 17.18 18.21 17.93
N LYS B 20 17.33 19.49 18.26
CA LYS B 20 16.79 20.58 17.42
C LYS B 20 17.39 20.52 16.03
N ASP B 21 18.65 20.14 15.95
CA ASP B 21 19.32 19.91 14.68
C ASP B 21 18.91 18.55 14.10
N ASN B 22 17.95 18.58 13.16
CA ASN B 22 17.38 17.36 12.60
C ASN B 22 18.09 16.85 11.36
N SER B 23 19.23 17.46 11.05
CA SER B 23 19.95 17.16 9.83
C SER B 23 20.43 15.71 9.76
N VAL B 24 20.85 15.16 10.90
CA VAL B 24 21.27 13.75 10.91
C VAL B 24 20.06 12.85 10.60
N TRP B 25 18.94 13.11 11.26
CA TRP B 25 17.78 12.26 11.03
C TRP B 25 17.37 12.35 9.55
N ILE B 26 17.44 13.55 8.99
CA ILE B 26 17.06 13.75 7.57
C ILE B 26 17.99 12.99 6.64
N LYS B 27 19.28 12.93 6.97
CA LYS B 27 20.21 12.11 6.20
C LYS B 27 19.79 10.64 6.20
N ILE B 28 19.51 10.11 7.38
CA ILE B 28 19.08 8.72 7.57
C ILE B 28 17.80 8.45 6.77
N LEU B 29 16.84 9.35 6.91
CA LEU B 29 15.54 9.19 6.24
C LEU B 29 15.61 9.29 4.71
N THR B 30 16.72 9.78 4.19
CA THR B 30 16.91 9.92 2.74
C THR B 30 18.02 9.01 2.23
N TYR B 31 18.39 8.03 3.05
CA TYR B 31 19.44 7.06 2.72
C TYR B 31 20.79 7.71 2.35
N SER B 32 21.12 8.84 3.01
CA SER B 32 22.42 9.50 2.83
C SER B 32 23.42 9.07 3.89
N ALA B 33 24.63 8.76 3.43
CA ALA B 33 25.70 8.25 4.31
C ALA B 33 26.15 9.27 5.36
N ILE B 34 26.51 8.72 6.51
CA ILE B 34 26.92 9.47 7.71
C ILE B 34 28.43 9.32 7.89
N ASP B 35 29.13 10.40 8.21
CA ASP B 35 30.55 10.34 8.59
C ASP B 35 30.61 9.99 10.08
N VAL B 36 31.06 8.78 10.38
CA VAL B 36 31.02 8.25 11.75
C VAL B 36 31.81 9.11 12.75
N GLU B 37 33.02 9.52 12.36
CA GLU B 37 33.84 10.40 13.18
C GLU B 37 33.17 11.74 13.42
N GLU B 38 32.58 12.35 12.38
CA GLU B 38 31.85 13.60 12.55
C GLU B 38 30.62 13.42 13.46
N PHE B 39 29.91 12.31 13.27
CA PHE B 39 28.72 11.92 14.06
C PHE B 39 29.06 11.78 15.54
N GLN B 40 30.19 11.12 15.84
CA GLN B 40 30.65 10.98 17.22
C GLN B 40 30.79 12.35 17.90
N LEU B 41 31.40 13.31 17.20
CA LEU B 41 31.55 14.68 17.71
C LEU B 41 30.21 15.40 17.83
N TRP B 42 29.34 15.19 16.83
CA TRP B 42 27.98 15.74 16.88
C TRP B 42 27.25 15.22 18.11
N LEU B 43 27.33 13.92 18.36
CA LEU B 43 26.73 13.36 19.56
C LEU B 43 27.32 13.96 20.83
N LYS B 44 28.64 14.11 20.85
CA LYS B 44 29.31 14.65 22.04
C LYS B 44 28.76 16.05 22.40
N ARG B 45 28.60 16.90 21.38
CA ARG B 45 27.97 18.23 21.54
C ARG B 45 26.53 18.14 22.07
N LYS B 46 25.88 17.00 21.89
CA LYS B 46 24.52 16.82 22.40
C LYS B 46 24.50 16.09 23.75
N ASN B 47 25.60 16.17 24.49
CA ASN B 47 25.73 15.50 25.78
C ASN B 47 25.65 13.97 25.67
N LEU B 48 26.20 13.39 24.60
CA LEU B 48 26.21 11.92 24.45
C LEU B 48 27.57 11.38 24.05
N ASN B 49 28.27 10.76 24.99
CA ASN B 49 29.61 10.15 24.71
C ASN B 49 29.47 8.67 24.39
N VAL B 50 29.78 8.32 23.15
CA VAL B 50 29.78 6.93 22.69
C VAL B 50 30.99 6.65 21.80
N SER B 51 31.39 5.39 21.76
CA SER B 51 32.53 4.93 21.00
C SER B 51 32.18 4.78 19.54
N LEU B 52 33.20 4.75 18.69
CA LEU B 52 33.02 4.42 17.27
C LEU B 52 32.46 3.01 17.06
N ASP B 53 32.84 2.06 17.91
CA ASP B 53 32.25 0.70 17.83
C ASP B 53 30.75 0.71 18.10
N LEU B 54 30.32 1.50 19.08
CA LEU B 54 28.91 1.63 19.42
C LEU B 54 28.14 2.27 18.26
N ILE B 55 28.79 3.23 17.58
CA ILE B 55 28.17 3.92 16.45
C ILE B 55 28.05 2.99 15.26
N LYS B 56 29.13 2.30 14.92
CA LYS B 56 29.12 1.34 13.81
C LYS B 56 28.06 0.26 14.02
N SER B 57 27.96 -0.28 15.23
CA SER B 57 26.99 -1.34 15.50
C SER B 57 25.57 -0.82 15.48
N TRP B 58 25.39 0.42 15.96
CA TRP B 58 24.10 1.08 15.90
C TRP B 58 23.69 1.27 14.44
N CYS B 59 24.58 1.83 13.63
CA CYS B 59 24.29 2.04 12.20
C CYS B 59 23.93 0.73 11.51
N ASP B 60 24.71 -0.32 11.78
CA ASP B 60 24.47 -1.62 11.13
C ASP B 60 23.12 -2.17 11.53
N LYS B 61 22.76 -2.03 12.80
CA LYS B 61 21.51 -2.58 13.31
C LYS B 61 20.26 -1.80 12.86
N TYR B 62 20.39 -0.49 12.72
CA TYR B 62 19.22 0.38 12.49
C TYR B 62 19.13 1.05 11.11
N GLY B 63 20.02 0.70 10.19
CA GLY B 63 19.92 1.09 8.79
C GLY B 63 20.50 2.45 8.44
N VAL B 64 21.66 2.75 9.01
CA VAL B 64 22.32 4.00 8.69
C VAL B 64 23.59 3.69 7.89
N LEU B 65 23.78 4.38 6.77
CA LEU B 65 24.94 4.18 5.91
C LEU B 65 26.14 4.97 6.40
N MET B 66 27.31 4.33 6.36
CA MET B 66 28.53 4.97 6.80
C MET B 66 29.45 5.28 5.62
N LYS B 67 29.97 6.50 5.59
CA LYS B 67 30.99 6.88 4.60
C LYS B 67 32.22 6.01 4.79
N GLY B 68 32.77 5.51 3.68
CA GLY B 68 33.91 4.58 3.74
C GLY B 68 33.45 3.13 3.81
N SER B 69 32.19 2.93 4.09
CA SER B 69 31.66 1.59 4.19
C SER B 69 30.43 1.45 3.32
N PRO C 3 6.43 -17.71 -20.95
CA PRO C 3 5.91 -18.67 -20.00
C PRO C 3 5.24 -18.00 -18.78
N VAL C 4 4.37 -17.02 -19.02
CA VAL C 4 3.73 -16.25 -17.93
C VAL C 4 2.79 -17.13 -17.08
N LYS C 5 3.03 -17.14 -15.77
CA LYS C 5 2.28 -17.99 -14.85
C LYS C 5 1.56 -17.17 -13.76
N CYS C 6 0.36 -17.61 -13.37
CA CYS C 6 -0.34 -17.01 -12.24
C CYS C 6 0.29 -17.53 -10.96
N ASN C 7 0.74 -16.61 -10.10
CA ASN C 7 1.45 -17.04 -8.90
C ASN C 7 0.51 -17.38 -7.76
N LEU C 8 -0.79 -17.46 -8.05
CA LEU C 8 -1.76 -17.84 -7.04
C LEU C 8 -2.37 -19.24 -7.27
N CYS C 9 -2.64 -19.57 -8.53
CA CYS C 9 -3.18 -20.89 -8.88
C CYS C 9 -2.18 -21.72 -9.69
N TYR C 10 -1.13 -21.07 -10.18
CA TYR C 10 -0.02 -21.70 -10.91
C TYR C 10 -0.32 -22.14 -12.34
N GLU C 11 -1.50 -21.82 -12.87
CA GLU C 11 -1.83 -22.07 -14.27
C GLU C 11 -1.21 -21.02 -15.18
N CYS C 12 -1.04 -21.37 -16.45
CA CYS C 12 -0.52 -20.44 -17.44
C CYS C 12 -1.55 -19.39 -17.82
N ILE C 13 -1.06 -18.18 -18.10
CA ILE C 13 -1.91 -17.09 -18.54
C ILE C 13 -1.58 -16.83 -20.01
N GLU C 14 -2.58 -17.00 -20.88
CA GLU C 14 -2.42 -16.81 -22.32
C GLU C 14 -2.05 -15.39 -22.73
N SER C 15 -1.52 -15.24 -23.93
CA SER C 15 -1.06 -13.94 -24.44
C SER C 15 -2.15 -12.87 -24.47
N ASP C 16 -3.35 -13.27 -24.87
CA ASP C 16 -4.47 -12.34 -24.96
C ASP C 16 -5.44 -12.49 -23.79
N GLU C 17 -4.90 -12.75 -22.61
CA GLU C 17 -5.72 -12.90 -21.41
C GLU C 17 -5.37 -11.82 -20.39
N LEU C 18 -6.38 -11.02 -20.01
CA LEU C 18 -6.17 -9.93 -19.07
C LEU C 18 -5.54 -10.51 -17.81
N ARG C 19 -4.75 -9.72 -17.10
CA ARG C 19 -4.09 -10.19 -15.88
C ARG C 19 -3.72 -9.06 -14.93
N ALA C 20 -3.78 -9.35 -13.64
CA ALA C 20 -3.40 -8.38 -12.62
C ALA C 20 -1.88 -8.37 -12.51
N ASN C 21 -1.31 -7.19 -12.30
CA ASN C 21 0.11 -7.08 -11.93
C ASN C 21 0.32 -5.97 -10.89
N CYS C 22 1.17 -6.24 -9.92
CA CYS C 22 1.55 -5.25 -8.95
C CYS C 22 2.26 -4.13 -9.73
N PRO C 23 1.88 -2.86 -9.50
CA PRO C 23 2.45 -1.76 -10.26
C PRO C 23 3.88 -1.42 -9.85
N PHE C 24 4.34 -1.96 -8.74
CA PHE C 24 5.72 -1.68 -8.32
C PHE C 24 6.67 -2.66 -9.04
N THR C 25 7.44 -2.11 -9.98
CA THR C 25 8.16 -2.88 -11.00
C THR C 25 9.15 -3.89 -10.41
N ASP C 26 9.72 -3.59 -9.25
CA ASP C 26 10.63 -4.54 -8.62
C ASP C 26 9.90 -5.73 -8.01
N CYS C 27 8.57 -5.60 -7.86
CA CYS C 27 7.73 -6.73 -7.43
C CYS C 27 7.15 -7.40 -8.68
N ASN C 28 6.27 -6.69 -9.39
CA ASN C 28 5.64 -7.17 -10.61
C ASN C 28 4.94 -8.54 -10.47
N SER C 29 4.42 -8.82 -9.28
CA SER C 29 3.60 -10.00 -9.01
C SER C 29 2.46 -10.08 -10.01
N ILE C 30 2.32 -11.23 -10.70
CA ILE C 30 1.34 -11.44 -11.76
C ILE C 30 0.35 -12.58 -11.42
N ASN C 31 -0.94 -12.34 -11.65
CA ASN C 31 -1.95 -13.36 -11.39
C ASN C 31 -3.30 -13.07 -12.04
N HIS C 32 -4.08 -14.12 -12.29
CA HIS C 32 -5.41 -13.98 -12.86
C HIS C 32 -6.18 -12.92 -12.05
N LEU C 33 -6.99 -12.11 -12.75
CA LEU C 33 -7.86 -11.13 -12.11
C LEU C 33 -8.78 -11.79 -11.10
N THR C 34 -9.44 -12.89 -11.51
CA THR C 34 -10.31 -13.57 -10.57
C THR C 34 -9.55 -14.23 -9.43
N CYS C 35 -8.36 -14.78 -9.68
CA CYS C 35 -7.58 -15.32 -8.56
C CYS C 35 -7.22 -14.25 -7.53
N LEU C 36 -6.73 -13.10 -8.00
CA LEU C 36 -6.38 -12.01 -7.09
C LEU C 36 -7.63 -11.52 -6.35
N ALA C 37 -8.70 -11.27 -7.10
CA ALA C 37 -9.95 -10.79 -6.49
C ALA C 37 -10.45 -11.72 -5.42
N SER C 38 -10.52 -13.02 -5.75
CA SER C 38 -10.96 -14.02 -4.78
C SER C 38 -10.10 -13.97 -3.51
N SER C 39 -8.79 -13.76 -3.68
CA SER C 39 -7.87 -13.66 -2.51
C SER C 39 -8.11 -12.41 -1.64
N PHE C 40 -8.69 -11.36 -2.22
CA PHE C 40 -8.89 -10.10 -1.50
C PHE C 40 -10.26 -10.01 -0.83
N LEU C 41 -11.22 -10.83 -1.29
CA LEU C 41 -12.59 -10.74 -0.80
C LEU C 41 -12.74 -11.47 0.53
N THR C 42 -13.53 -10.91 1.44
CA THR C 42 -13.80 -11.53 2.74
C THR C 42 -15.22 -12.11 2.88
N GLU C 43 -16.21 -11.45 2.27
CA GLU C 43 -17.61 -11.87 2.41
C GLU C 43 -18.13 -12.47 1.12
N GLU C 44 -18.95 -13.51 1.24
CA GLU C 44 -19.48 -14.25 0.09
C GLU C 44 -20.26 -13.37 -0.88
N CYS C 45 -20.93 -12.34 -0.36
CA CYS C 45 -21.69 -11.41 -1.20
C CYS C 45 -20.82 -10.46 -2.04
N GLN C 46 -19.57 -10.24 -1.64
CA GLN C 46 -18.75 -9.22 -2.33
C GLN C 46 -18.23 -9.76 -3.66
N VAL C 47 -18.19 -8.90 -4.67
CA VAL C 47 -17.65 -9.30 -5.97
C VAL C 47 -16.46 -8.42 -6.42
N LEU C 48 -16.36 -7.22 -5.86
CA LEU C 48 -15.39 -6.23 -6.32
C LEU C 48 -14.55 -5.77 -5.13
N PRO C 49 -13.28 -6.17 -5.08
CA PRO C 49 -12.44 -5.77 -3.96
C PRO C 49 -12.26 -4.26 -3.90
N ILE C 50 -12.14 -3.73 -2.69
CA ILE C 50 -11.77 -2.32 -2.50
C ILE C 50 -10.23 -2.20 -2.53
N GLU C 51 -9.58 -3.06 -1.76
CA GLU C 51 -8.13 -3.04 -1.59
C GLU C 51 -7.66 -4.43 -1.19
N GLY C 52 -6.34 -4.64 -1.24
CA GLY C 52 -5.77 -5.88 -0.71
C GLY C 52 -4.24 -5.81 -0.67
N MET C 53 -3.65 -6.78 0.02
CA MET C 53 -2.19 -6.88 0.13
C MET C 53 -1.62 -7.73 -0.99
N CYS C 54 -0.67 -7.15 -1.73
CA CYS C 54 0.11 -7.93 -2.66
C CYS C 54 0.88 -9.02 -1.89
N THR C 55 0.68 -10.29 -2.28
CA THR C 55 1.25 -11.41 -1.53
C THR C 55 2.78 -11.43 -1.58
N LYS C 56 3.35 -10.83 -2.63
CA LYS C 56 4.80 -10.81 -2.86
C LYS C 56 5.50 -9.65 -2.12
N CYS C 57 5.10 -8.39 -2.40
CA CYS C 57 5.78 -7.26 -1.75
C CYS C 57 5.17 -6.81 -0.41
N LYS C 58 3.96 -7.30 -0.09
CA LYS C 58 3.21 -6.97 1.13
C LYS C 58 2.67 -5.53 1.20
N ARG C 59 2.74 -4.78 0.12
CA ARG C 59 2.03 -3.49 0.08
C ARG C 59 0.51 -3.68 0.09
N VAL C 60 -0.22 -2.76 0.72
CA VAL C 60 -1.69 -2.78 0.70
C VAL C 60 -2.14 -1.67 -0.23
N LEU C 61 -2.79 -2.06 -1.32
CA LEU C 61 -3.08 -1.16 -2.42
C LEU C 61 -4.56 -1.24 -2.77
N ARG C 62 -5.07 -0.21 -3.42
CA ARG C 62 -6.44 -0.25 -3.94
C ARG C 62 -6.50 -1.25 -5.08
N TRP C 63 -7.68 -1.82 -5.29
CA TRP C 63 -7.92 -2.78 -6.40
C TRP C 63 -7.41 -2.24 -7.72
N ARG C 64 -7.70 -0.96 -8.00
CA ARG C 64 -7.32 -0.37 -9.29
C ARG C 64 -5.80 -0.31 -9.55
N GLU C 65 -4.99 -0.29 -8.49
CA GLU C 65 -3.54 -0.32 -8.64
C GLU C 65 -3.07 -1.57 -9.40
N PHE C 66 -3.83 -2.67 -9.31
CA PHE C 66 -3.47 -3.95 -9.98
C PHE C 66 -3.87 -4.05 -11.45
N LEU C 67 -4.53 -3.00 -11.96
CA LEU C 67 -5.09 -2.99 -13.33
C LEU C 67 -4.29 -2.21 -14.38
N SER C 68 -2.98 -2.02 -14.20
CA SER C 68 -2.17 -1.19 -15.13
C SER C 68 -2.10 -1.69 -16.58
N THR C 69 -2.31 -2.98 -16.81
CA THR C 69 -2.26 -3.46 -18.18
C THR C 69 -3.63 -3.74 -18.77
N VAL C 70 -4.65 -3.65 -17.93
CA VAL C 70 -5.99 -4.03 -18.34
C VAL C 70 -6.59 -3.09 -19.41
N PHE C 71 -6.28 -1.80 -19.35
CA PHE C 71 -6.98 -0.82 -20.20
C PHE C 71 -6.23 -0.36 -21.44
N THR C 72 -4.92 -0.14 -21.32
CA THR C 72 -4.13 0.36 -22.46
C THR C 72 -2.96 -0.56 -22.83
N GLY D 1 -34.17 -3.18 5.21
CA GLY D 1 -33.44 -4.47 5.33
C GLY D 1 -34.38 -5.67 5.43
N SER D 2 -34.13 -6.69 4.61
CA SER D 2 -34.93 -7.91 4.65
C SER D 2 -34.10 -9.13 4.27
N MET D 3 -34.29 -10.21 5.03
CA MET D 3 -33.56 -11.46 4.83
C MET D 3 -33.70 -11.99 3.42
N ILE D 4 -34.85 -11.73 2.80
CA ILE D 4 -35.10 -12.18 1.44
C ILE D 4 -34.18 -11.46 0.44
N VAL D 5 -33.99 -10.15 0.65
CA VAL D 5 -33.12 -9.36 -0.22
C VAL D 5 -31.68 -9.85 -0.07
N THR D 6 -31.21 -9.98 1.16
CA THR D 6 -29.86 -10.48 1.45
C THR D 6 -29.63 -11.84 0.80
N GLN D 7 -30.60 -12.76 0.93
CA GLN D 7 -30.49 -14.09 0.33
C GLN D 7 -30.42 -14.02 -1.21
N THR D 8 -31.22 -13.16 -1.81
CA THR D 8 -31.19 -13.02 -3.25
C THR D 8 -29.91 -12.33 -3.73
N HIS D 9 -29.45 -11.32 -2.98
CA HIS D 9 -28.20 -10.65 -3.31
C HIS D 9 -27.04 -11.64 -3.27
N ARG D 10 -27.04 -12.49 -2.26
CA ARG D 10 -26.01 -13.53 -2.11
C ARG D 10 -25.99 -14.48 -3.30
N ALA D 11 -27.17 -14.93 -3.71
CA ALA D 11 -27.29 -15.84 -4.87
C ALA D 11 -26.74 -15.20 -6.14
N ILE D 12 -26.98 -13.91 -6.36
CA ILE D 12 -26.44 -13.24 -7.53
C ILE D 12 -24.90 -13.24 -7.53
N SER D 13 -24.32 -12.91 -6.37
CA SER D 13 -22.87 -12.83 -6.21
C SER D 13 -22.24 -14.21 -6.45
N GLN D 14 -22.88 -15.24 -5.90
CA GLN D 14 -22.46 -16.62 -6.10
C GLN D 14 -22.51 -17.06 -7.56
N VAL D 15 -23.56 -16.70 -8.30
CA VAL D 15 -23.62 -17.03 -9.73
C VAL D 15 -22.49 -16.33 -10.51
N VAL D 16 -22.29 -15.04 -10.21
CA VAL D 16 -21.23 -14.26 -10.86
C VAL D 16 -19.86 -14.88 -10.66
N LYS D 17 -19.58 -15.31 -9.43
CA LYS D 17 -18.27 -15.82 -9.06
C LYS D 17 -18.08 -17.31 -9.33
N GLN D 18 -19.18 -18.05 -9.41
CA GLN D 18 -19.09 -19.51 -9.56
C GLN D 18 -19.34 -20.03 -10.98
N ALA D 19 -19.94 -19.22 -11.82
CA ALA D 19 -20.16 -19.59 -13.17
C ALA D 19 -18.85 -19.82 -13.92
N LYS D 20 -18.84 -20.87 -14.69
CA LYS D 20 -17.70 -21.19 -15.51
C LYS D 20 -17.45 -20.11 -16.52
N ASP D 21 -18.51 -19.48 -16.98
CA ASP D 21 -18.42 -18.27 -17.77
C ASP D 21 -18.06 -17.10 -16.81
N ASN D 22 -16.77 -16.78 -16.72
CA ASN D 22 -16.30 -15.69 -15.82
C ASN D 22 -16.38 -14.26 -16.41
N SER D 23 -17.05 -14.12 -17.55
CA SER D 23 -17.02 -12.83 -18.27
C SER D 23 -17.70 -11.67 -17.53
N VAL D 24 -18.80 -11.98 -16.85
CA VAL D 24 -19.50 -10.96 -16.07
C VAL D 24 -18.63 -10.52 -14.90
N TRP D 25 -18.04 -11.49 -14.20
CA TRP D 25 -17.14 -11.15 -13.11
C TRP D 25 -15.97 -10.31 -13.62
N ILE D 26 -15.43 -10.66 -14.79
CA ILE D 26 -14.32 -9.89 -15.38
C ILE D 26 -14.72 -8.44 -15.70
N LYS D 27 -15.93 -8.24 -16.25
CA LYS D 27 -16.49 -6.88 -16.48
C LYS D 27 -16.54 -6.06 -15.18
N ILE D 28 -17.06 -6.65 -14.12
CA ILE D 28 -17.12 -6.03 -12.80
C ILE D 28 -15.72 -5.65 -12.28
N LEU D 29 -14.78 -6.59 -12.40
CA LEU D 29 -13.41 -6.38 -11.90
C LEU D 29 -12.61 -5.34 -12.69
N THR D 30 -13.07 -5.02 -13.89
CA THR D 30 -12.38 -4.07 -14.74
C THR D 30 -13.23 -2.83 -14.98
N TYR D 31 -14.22 -2.63 -14.11
CA TYR D 31 -15.11 -1.48 -14.14
C TYR D 31 -15.78 -1.26 -15.47
N SER D 32 -16.23 -2.36 -16.08
CA SER D 32 -16.93 -2.29 -17.34
C SER D 32 -18.42 -2.32 -17.00
N ALA D 33 -19.17 -1.34 -17.52
CA ALA D 33 -20.54 -1.09 -17.07
C ALA D 33 -21.41 -2.29 -17.42
N ILE D 34 -22.24 -2.70 -16.47
CA ILE D 34 -23.16 -3.81 -16.66
C ILE D 34 -24.50 -3.28 -17.21
N ASP D 35 -24.93 -3.85 -18.32
CA ASP D 35 -26.28 -3.65 -18.86
C ASP D 35 -27.26 -4.54 -18.07
N VAL D 36 -28.09 -3.89 -17.25
CA VAL D 36 -29.01 -4.57 -16.33
C VAL D 36 -29.95 -5.60 -17.01
N GLU D 37 -30.52 -5.24 -18.16
CA GLU D 37 -31.42 -6.16 -18.87
C GLU D 37 -30.71 -7.37 -19.46
N GLU D 38 -29.53 -7.17 -20.03
CA GLU D 38 -28.71 -8.30 -20.47
C GLU D 38 -28.26 -9.19 -19.31
N PHE D 39 -27.89 -8.56 -18.19
CA PHE D 39 -27.47 -9.30 -16.99
C PHE D 39 -28.62 -10.19 -16.47
N GLN D 40 -29.85 -9.68 -16.52
CA GLN D 40 -31.01 -10.46 -16.09
C GLN D 40 -31.20 -11.74 -16.93
N LEU D 41 -31.00 -11.64 -18.25
CA LEU D 41 -31.10 -12.82 -19.13
C LEU D 41 -29.95 -13.78 -18.89
N TRP D 42 -28.75 -13.24 -18.68
CA TRP D 42 -27.57 -14.06 -18.32
C TRP D 42 -27.84 -14.86 -17.04
N LEU D 43 -28.38 -14.17 -16.01
CA LEU D 43 -28.68 -14.86 -14.75
C LEU D 43 -29.73 -15.99 -14.97
N LYS D 44 -30.77 -15.65 -15.74
CA LYS D 44 -31.80 -16.62 -16.14
C LYS D 44 -31.18 -17.86 -16.78
N ARG D 45 -30.24 -17.64 -17.70
CA ARG D 45 -29.52 -18.75 -18.33
C ARG D 45 -28.74 -19.58 -17.31
N LYS D 46 -28.23 -18.92 -16.27
CA LYS D 46 -27.53 -19.63 -15.19
C LYS D 46 -28.47 -20.10 -14.06
N ASN D 47 -29.77 -20.18 -14.36
CA ASN D 47 -30.76 -20.74 -13.43
C ASN D 47 -31.01 -19.88 -12.19
N LEU D 48 -31.10 -18.56 -12.37
CA LEU D 48 -31.44 -17.62 -11.29
C LEU D 48 -32.38 -16.57 -11.87
N ASN D 49 -33.62 -16.56 -11.38
CA ASN D 49 -34.69 -15.68 -11.87
C ASN D 49 -34.89 -14.52 -10.91
N VAL D 50 -34.59 -13.30 -11.36
CA VAL D 50 -34.63 -12.14 -10.46
C VAL D 50 -35.10 -10.93 -11.23
N SER D 51 -35.66 -9.96 -10.51
CA SER D 51 -36.21 -8.75 -11.11
C SER D 51 -35.12 -7.72 -11.40
N LEU D 52 -35.42 -6.77 -12.28
CA LEU D 52 -34.52 -5.66 -12.58
C LEU D 52 -34.28 -4.78 -11.37
N ASP D 53 -35.33 -4.49 -10.59
CA ASP D 53 -35.17 -3.71 -9.37
C ASP D 53 -34.21 -4.39 -8.39
N LEU D 54 -34.32 -5.71 -8.28
CA LEU D 54 -33.42 -6.45 -7.42
C LEU D 54 -31.97 -6.39 -7.93
N ILE D 55 -31.80 -6.58 -9.23
CA ILE D 55 -30.47 -6.48 -9.86
C ILE D 55 -29.87 -5.08 -9.62
N LYS D 56 -30.68 -4.04 -9.80
CA LYS D 56 -30.25 -2.66 -9.55
C LYS D 56 -29.78 -2.45 -8.12
N SER D 57 -30.56 -2.91 -7.15
CA SER D 57 -30.17 -2.81 -5.74
C SER D 57 -28.87 -3.59 -5.44
N TRP D 58 -28.71 -4.74 -6.08
CA TRP D 58 -27.48 -5.53 -5.96
C TRP D 58 -26.28 -4.74 -6.49
N CYS D 59 -26.40 -4.22 -7.71
CA CYS D 59 -25.29 -3.47 -8.31
C CYS D 59 -24.86 -2.27 -7.44
N ASP D 60 -25.86 -1.53 -6.94
CA ASP D 60 -25.59 -0.36 -6.11
C ASP D 60 -24.92 -0.74 -4.79
N LYS D 61 -25.42 -1.79 -4.15
CA LYS D 61 -24.91 -2.21 -2.86
C LYS D 61 -23.48 -2.75 -2.91
N TYR D 62 -23.14 -3.41 -4.02
CA TYR D 62 -21.86 -4.12 -4.14
C TYR D 62 -20.87 -3.40 -5.04
N GLY D 63 -21.21 -2.15 -5.38
CA GLY D 63 -20.29 -1.24 -6.03
C GLY D 63 -20.07 -1.51 -7.49
N VAL D 64 -21.10 -2.04 -8.15
CA VAL D 64 -21.02 -2.38 -9.56
C VAL D 64 -21.60 -1.28 -10.48
N LEU D 65 -20.72 -0.67 -11.27
CA LEU D 65 -21.14 0.34 -12.24
C LEU D 65 -22.14 -0.25 -13.21
N MET D 66 -23.27 0.44 -13.39
CA MET D 66 -24.31 0.04 -14.33
C MET D 66 -24.32 0.94 -15.54
N LYS D 67 -24.81 0.41 -16.65
CA LYS D 67 -24.96 1.18 -17.86
C LYS D 67 -26.01 2.29 -17.67
N GLY D 68 -25.72 3.45 -18.26
CA GLY D 68 -26.66 4.59 -18.35
C GLY D 68 -26.38 5.33 -19.66
N SER D 69 -26.93 6.53 -19.81
CA SER D 69 -26.68 7.32 -21.02
C SER D 69 -25.37 8.10 -20.91
#